data_7BHT
#
_entry.id   7BHT
#
_cell.length_a   67.873
_cell.length_b   93.926
_cell.length_c   116.965
_cell.angle_alpha   90.000
_cell.angle_beta   90.000
_cell.angle_gamma   90.000
#
_symmetry.space_group_name_H-M   'I 2 2 2'
#
loop_
_entity.id
_entity.type
_entity.pdbx_description
1 polymer 'S-adenosylmethionine synthase isoform type-2'
2 non-polymer 'DIMETHYL SULFOXIDE'
3 non-polymer 7-chloranyl-4-(dimethylamino)-1~{H}-quinazolin-2-one
4 non-polymer S-ADENOSYLMETHIONINE
5 non-polymer 'CHLORIDE ION'
6 water water
#
_entity_poly.entity_id   1
_entity_poly.type   'polypeptide(L)'
_entity_poly.pdbx_seq_one_letter_code
;QSMNGQLNGFHEAFIEEGTFLFTSESVGEGHPDKICDQISDAVLDAHLQQDPDAKVACETVAKTGMILLAGEITSRAAVD
YQKVVREAVKHIGYDDSSKGFDYKTCNVLVALEQQSPDIAQGVHLDRNEEDIGAGDQGLMFGYATDETEECMPLTIVLAH
KLNAKLAELRRNGTLPWLRPDSKTQVTVQYMQDRGAVLPIRVHTIVISVQHDEEVCLDEMRDALKEKVIKAVVPAKYLDE
DTIYHLQPSGRFVIGGPQGDAGLTGRKIIVDTYGGWGAHGGGAFSGKDYTKVDRSAAYAARWVAKSLVKGGLCRRVLVQV
SYAIGVSHPLSISIFHYGTSQKSERELLEIVKKNFDLRPGVIVRDLDLKKPIYQRTAAYGHFGRDSFPWEVPKKLKY
;
_entity_poly.pdbx_strand_id   A
#
loop_
_chem_comp.id
_chem_comp.type
_chem_comp.name
_chem_comp.formula
CL non-polymer 'CHLORIDE ION' 'Cl -1'
DMS non-polymer 'DIMETHYL SULFOXIDE' 'C2 H6 O S'
SAM non-polymer S-ADENOSYLMETHIONINE 'C15 H22 N6 O5 S'
TO8 non-polymer 7-chloranyl-4-(dimethylamino)-1~{H}-quinazolin-2-one 'C10 H10 Cl N3 O'
#
# COMPACT_ATOMS: atom_id res chain seq x y z
N GLY A 18 31.27 1.20 -4.37
CA GLY A 18 30.09 1.71 -3.70
C GLY A 18 28.79 1.33 -4.39
N THR A 19 28.86 0.72 -5.61
CA THR A 19 27.59 0.35 -6.26
C THR A 19 27.00 -0.91 -5.66
N PHE A 20 25.67 -1.00 -5.72
CA PHE A 20 24.97 -2.17 -5.24
C PHE A 20 23.65 -2.27 -5.96
N LEU A 21 23.01 -3.43 -5.87
CA LEU A 21 21.70 -3.64 -6.46
C LEU A 21 20.64 -3.63 -5.37
N PHE A 22 19.42 -3.26 -5.74
CA PHE A 22 18.29 -3.41 -4.86
C PHE A 22 17.07 -3.70 -5.69
N THR A 23 16.22 -4.60 -5.21
CA THR A 23 15.03 -5.02 -5.95
C THR A 23 13.76 -4.75 -5.16
N SER A 24 12.73 -4.27 -5.87
CA SER A 24 11.38 -4.13 -5.32
C SER A 24 10.36 -4.66 -6.29
N GLU A 25 9.20 -5.06 -5.80
CA GLU A 25 8.11 -5.48 -6.68
C GLU A 25 6.86 -4.68 -6.47
N SER A 26 5.92 -4.84 -7.41
CA SER A 26 4.57 -4.32 -7.27
C SER A 26 3.63 -5.28 -7.95
N VAL A 27 2.32 -5.12 -7.71
CA VAL A 27 1.34 -5.98 -8.36
C VAL A 27 0.18 -5.14 -8.86
N GLY A 28 -0.57 -5.70 -9.80
CA GLY A 28 -1.70 -5.00 -10.38
C GLY A 28 -2.97 -5.08 -9.56
N GLU A 29 -3.98 -4.33 -10.01
CA GLU A 29 -5.26 -4.26 -9.34
C GLU A 29 -5.97 -5.62 -9.27
N GLY A 30 -5.71 -6.50 -10.26
CA GLY A 30 -6.34 -7.81 -10.31
C GLY A 30 -5.51 -8.91 -9.72
N HIS A 31 -4.34 -8.58 -9.12
CA HIS A 31 -3.59 -9.60 -8.39
C HIS A 31 -4.51 -10.02 -7.23
N PRO A 32 -4.66 -11.33 -6.95
CA PRO A 32 -5.71 -11.75 -6.00
C PRO A 32 -5.58 -11.19 -4.60
N ASP A 33 -4.33 -10.97 -4.09
CA ASP A 33 -4.17 -10.34 -2.79
C ASP A 33 -4.62 -8.89 -2.87
N LYS A 34 -4.26 -8.20 -3.95
CA LYS A 34 -4.71 -6.82 -4.10
C LYS A 34 -6.20 -6.70 -4.28
N ILE A 35 -6.85 -7.67 -4.94
CA ILE A 35 -8.30 -7.63 -5.03
C ILE A 35 -8.87 -7.60 -3.59
N CYS A 36 -8.34 -8.47 -2.70
CA CYS A 36 -8.82 -8.47 -1.33
C CYS A 36 -8.59 -7.15 -0.62
N ASP A 37 -7.42 -6.53 -0.79
CA ASP A 37 -7.20 -5.23 -0.15
C ASP A 37 -8.22 -4.22 -0.64
N GLN A 38 -8.47 -4.19 -1.96
CA GLN A 38 -9.41 -3.22 -2.51
C GLN A 38 -10.81 -3.44 -2.03
N ILE A 39 -11.24 -4.71 -1.95
CA ILE A 39 -12.59 -5.00 -1.45
C ILE A 39 -12.69 -4.60 0.04
N SER A 40 -11.70 -4.99 0.84
CA SER A 40 -11.69 -4.60 2.26
C SER A 40 -11.86 -3.09 2.42
N ASP A 41 -11.16 -2.31 1.60
CA ASP A 41 -11.25 -0.86 1.67
C ASP A 41 -12.52 -0.32 1.06
N ALA A 42 -13.09 -1.02 0.06
CA ALA A 42 -14.40 -0.60 -0.44
C ALA A 42 -15.45 -0.75 0.68
N VAL A 43 -15.37 -1.83 1.46
CA VAL A 43 -16.24 -2.05 2.59
C VAL A 43 -16.06 -0.96 3.65
N LEU A 44 -14.80 -0.67 3.97
CA LEU A 44 -14.52 0.39 4.93
C LEU A 44 -15.12 1.72 4.46
N ASP A 45 -14.83 2.09 3.21
CA ASP A 45 -15.37 3.35 2.70
C ASP A 45 -16.88 3.38 2.72
N ALA A 46 -17.51 2.27 2.38
CA ALA A 46 -18.98 2.24 2.41
C ALA A 46 -19.52 2.53 3.80
N HIS A 47 -18.87 1.95 4.80
CA HIS A 47 -19.27 2.25 6.17
C HIS A 47 -19.02 3.69 6.53
N LEU A 48 -17.81 4.22 6.23
CA LEU A 48 -17.48 5.60 6.59
C LEU A 48 -18.34 6.64 5.92
N GLN A 49 -18.87 6.34 4.73
CA GLN A 49 -19.75 7.29 4.04
C GLN A 49 -21.01 7.55 4.88
N GLN A 50 -21.46 6.57 5.66
CA GLN A 50 -22.66 6.71 6.49
C GLN A 50 -22.35 6.97 7.95
N ASP A 51 -21.27 6.37 8.47
CA ASP A 51 -20.91 6.45 9.88
C ASP A 51 -19.42 6.71 9.97
N PRO A 52 -19.03 7.98 10.17
CA PRO A 52 -17.60 8.32 10.23
C PRO A 52 -16.87 7.62 11.35
N ASP A 53 -17.63 7.14 12.38
CA ASP A 53 -17.04 6.45 13.52
C ASP A 53 -17.20 4.94 13.48
N ALA A 54 -17.47 4.38 12.29
CA ALA A 54 -17.57 2.92 12.15
C ALA A 54 -16.27 2.25 12.61
N LYS A 55 -16.42 1.12 13.33
CA LYS A 55 -15.30 0.30 13.77
C LYS A 55 -15.26 -0.85 12.80
N VAL A 56 -14.22 -0.91 11.97
CA VAL A 56 -14.17 -1.87 10.85
C VAL A 56 -12.88 -2.65 10.91
N ALA A 57 -13.02 -3.99 10.74
CA ALA A 57 -11.88 -4.90 10.68
C ALA A 57 -12.28 -6.00 9.69
N CYS A 58 -12.30 -5.63 8.39
CA CYS A 58 -12.83 -6.49 7.35
C CYS A 58 -11.75 -7.19 6.58
N GLU A 59 -11.61 -8.50 6.78
CA GLU A 59 -10.68 -9.28 5.98
C GLU A 59 -11.44 -9.81 4.76
N THR A 60 -10.74 -9.93 3.64
CA THR A 60 -11.31 -10.52 2.43
C THR A 60 -10.44 -11.69 2.00
N VAL A 61 -11.08 -12.76 1.51
CA VAL A 61 -10.41 -13.94 0.95
C VAL A 61 -11.00 -14.14 -0.43
N ALA A 62 -10.13 -14.45 -1.39
CA ALA A 62 -10.57 -14.70 -2.77
C ALA A 62 -10.00 -15.99 -3.29
N LYS A 63 -10.86 -16.83 -3.83
CA LYS A 63 -10.41 -18.03 -4.55
C LYS A 63 -11.41 -18.19 -5.70
N THR A 64 -11.20 -19.17 -6.59
CA THR A 64 -12.09 -19.37 -7.72
C THR A 64 -13.53 -19.15 -7.35
N GLY A 65 -14.17 -18.20 -8.02
CA GLY A 65 -15.60 -17.93 -7.86
C GLY A 65 -16.05 -17.42 -6.51
N MET A 66 -15.13 -17.07 -5.61
CA MET A 66 -15.51 -16.70 -4.26
C MET A 66 -14.82 -15.47 -3.73
N ILE A 67 -15.64 -14.58 -3.14
CA ILE A 67 -15.20 -13.51 -2.28
C ILE A 67 -15.82 -13.81 -0.92
N LEU A 68 -14.99 -14.01 0.12
CA LEU A 68 -15.50 -14.19 1.48
C LEU A 68 -15.03 -12.97 2.33
N LEU A 69 -15.97 -12.33 3.02
CA LEU A 69 -15.67 -11.29 4.00
C LEU A 69 -15.69 -11.91 5.38
N ALA A 70 -14.64 -11.73 6.17
CA ALA A 70 -14.58 -12.26 7.52
C ALA A 70 -14.01 -11.22 8.44
N GLY A 71 -14.60 -11.02 9.60
CA GLY A 71 -14.11 -10.00 10.51
C GLY A 71 -15.19 -9.41 11.34
N GLU A 72 -14.92 -8.17 11.77
CA GLU A 72 -15.71 -7.51 12.80
C GLU A 72 -16.00 -6.09 12.41
N ILE A 73 -17.28 -5.74 12.43
CA ILE A 73 -17.71 -4.39 12.10
C ILE A 73 -18.81 -3.98 13.07
N THR A 74 -18.64 -2.83 13.74
CA THR A 74 -19.69 -2.21 14.54
C THR A 74 -19.91 -0.83 13.94
N SER A 75 -21.10 -0.61 13.37
CA SER A 75 -21.36 0.59 12.62
C SER A 75 -22.85 0.83 12.55
N ARG A 76 -23.19 2.11 12.42
CA ARG A 76 -24.60 2.50 12.24
C ARG A 76 -24.99 2.51 10.74
N ALA A 77 -24.03 2.25 9.84
CA ALA A 77 -24.31 2.22 8.43
C ALA A 77 -25.15 0.99 8.05
N ALA A 78 -25.89 1.12 6.95
CA ALA A 78 -26.61 0.00 6.34
C ALA A 78 -25.88 -0.22 5.00
N VAL A 79 -25.04 -1.25 4.98
CA VAL A 79 -24.18 -1.56 3.82
C VAL A 79 -24.65 -2.83 3.12
N ASP A 80 -24.79 -2.73 1.79
CA ASP A 80 -25.18 -3.87 0.96
C ASP A 80 -23.86 -4.50 0.52
N TYR A 81 -23.41 -5.53 1.25
CA TYR A 81 -22.14 -6.18 0.95
C TYR A 81 -22.07 -6.79 -0.43
N GLN A 82 -23.17 -7.38 -0.92
CA GLN A 82 -23.16 -7.95 -2.25
C GLN A 82 -22.85 -6.87 -3.28
N LYS A 83 -23.53 -5.72 -3.20
CA LYS A 83 -23.32 -4.64 -4.13
C LYS A 83 -21.91 -4.04 -4.03
N VAL A 84 -21.44 -3.81 -2.80
CA VAL A 84 -20.12 -3.20 -2.63
C VAL A 84 -19.01 -4.10 -3.16
N VAL A 85 -19.07 -5.41 -2.83
CA VAL A 85 -18.06 -6.33 -3.33
C VAL A 85 -18.07 -6.42 -4.86
N ARG A 86 -19.27 -6.60 -5.44
CA ARG A 86 -19.37 -6.79 -6.87
C ARG A 86 -18.94 -5.56 -7.65
N GLU A 87 -19.27 -4.37 -7.14
CA GLU A 87 -18.82 -3.14 -7.79
C GLU A 87 -17.29 -3.00 -7.76
N ALA A 88 -16.65 -3.43 -6.66
CA ALA A 88 -15.19 -3.33 -6.59
C ALA A 88 -14.55 -4.27 -7.62
N VAL A 89 -15.10 -5.48 -7.74
CA VAL A 89 -14.60 -6.47 -8.70
C VAL A 89 -14.80 -5.97 -10.13
N LYS A 90 -15.97 -5.37 -10.41
CA LYS A 90 -16.23 -4.77 -11.72
C LYS A 90 -15.17 -3.74 -12.06
N HIS A 91 -14.86 -2.83 -11.11
CA HIS A 91 -13.87 -1.77 -11.33
C HIS A 91 -12.53 -2.34 -11.71
N ILE A 92 -12.13 -3.41 -11.03
CA ILE A 92 -10.86 -4.10 -11.30
C ILE A 92 -10.81 -4.66 -12.72
N GLY A 93 -11.95 -5.12 -13.22
CA GLY A 93 -12.05 -5.59 -14.59
C GLY A 93 -12.38 -7.05 -14.73
N TYR A 94 -12.71 -7.76 -13.60
CA TYR A 94 -13.10 -9.17 -13.71
C TYR A 94 -14.60 -9.25 -13.96
N ASP A 95 -14.95 -9.28 -15.26
CA ASP A 95 -16.34 -9.18 -15.69
C ASP A 95 -16.79 -10.26 -16.64
N ASP A 96 -16.10 -11.40 -16.67
CA ASP A 96 -16.48 -12.47 -17.58
C ASP A 96 -15.79 -13.75 -17.24
N SER A 97 -16.50 -14.87 -17.39
CA SER A 97 -15.91 -16.16 -17.05
C SER A 97 -14.68 -16.46 -17.90
N SER A 98 -14.60 -15.88 -19.11
CA SER A 98 -13.39 -16.07 -19.91
C SER A 98 -12.12 -15.55 -19.25
N LYS A 99 -12.24 -14.53 -18.35
CA LYS A 99 -11.11 -13.92 -17.67
C LYS A 99 -10.79 -14.64 -16.37
N GLY A 100 -11.60 -15.63 -16.00
CA GLY A 100 -11.36 -16.44 -14.81
C GLY A 100 -12.17 -16.00 -13.60
N PHE A 101 -12.88 -14.87 -13.69
CA PHE A 101 -13.62 -14.33 -12.54
C PHE A 101 -14.59 -13.30 -13.06
N ASP A 102 -15.80 -13.28 -12.49
CA ASP A 102 -16.84 -12.38 -12.94
C ASP A 102 -17.62 -11.82 -11.78
N TYR A 103 -17.59 -10.47 -11.59
CA TYR A 103 -18.35 -9.84 -10.53
C TYR A 103 -19.85 -10.15 -10.59
N LYS A 104 -20.39 -10.37 -11.79
CA LYS A 104 -21.84 -10.59 -11.86
C LYS A 104 -22.28 -11.92 -11.28
N THR A 105 -21.41 -12.93 -11.33
CA THR A 105 -21.81 -14.32 -11.07
C THR A 105 -20.99 -15.02 -10.02
N CYS A 106 -20.00 -14.36 -9.39
CA CYS A 106 -19.23 -15.00 -8.32
C CYS A 106 -20.08 -15.13 -7.07
N ASN A 107 -19.62 -15.97 -6.17
CA ASN A 107 -20.18 -16.15 -4.84
C ASN A 107 -19.63 -15.07 -3.93
N VAL A 108 -20.51 -14.38 -3.18
CA VAL A 108 -20.09 -13.42 -2.13
C VAL A 108 -20.64 -14.00 -0.81
N LEU A 109 -19.72 -14.40 0.08
CA LEU A 109 -20.07 -15.01 1.38
C LEU A 109 -19.65 -14.02 2.46
N VAL A 110 -20.49 -13.88 3.50
CA VAL A 110 -20.23 -12.93 4.57
C VAL A 110 -20.23 -13.62 5.94
N ALA A 111 -19.09 -13.48 6.67
CA ALA A 111 -18.90 -13.96 8.04
C ALA A 111 -18.44 -12.78 8.88
N LEU A 112 -19.32 -11.80 9.05
CA LEU A 112 -19.02 -10.56 9.76
C LEU A 112 -19.82 -10.47 11.01
N GLU A 113 -19.16 -10.22 12.12
CA GLU A 113 -19.76 -10.09 13.43
CA GLU A 113 -19.85 -10.06 13.40
C GLU A 113 -19.51 -8.69 13.94
N GLN A 114 -20.09 -8.32 15.08
CA GLN A 114 -19.74 -7.03 15.70
C GLN A 114 -18.31 -7.08 16.27
N GLN A 115 -17.74 -5.91 16.49
CA GLN A 115 -16.46 -5.86 17.19
C GLN A 115 -16.63 -6.50 18.58
N SER A 116 -15.62 -7.25 19.01
CA SER A 116 -15.59 -7.78 20.36
C SER A 116 -15.89 -6.69 21.36
N PRO A 117 -16.88 -6.87 22.27
CA PRO A 117 -17.12 -5.85 23.29
C PRO A 117 -15.94 -5.68 24.24
N ASP A 118 -15.10 -6.75 24.39
CA ASP A 118 -13.91 -6.64 25.25
C ASP A 118 -12.90 -5.68 24.64
N ILE A 119 -12.74 -5.72 23.32
CA ILE A 119 -11.89 -4.75 22.66
C ILE A 119 -12.51 -3.36 22.76
N ALA A 120 -13.81 -3.25 22.44
CA ALA A 120 -14.43 -1.93 22.44
C ALA A 120 -14.30 -1.25 23.79
N GLN A 121 -14.56 -1.99 24.88
CA GLN A 121 -14.50 -1.34 26.19
C GLN A 121 -13.07 -0.91 26.56
N GLY A 122 -12.07 -1.65 26.05
CA GLY A 122 -10.69 -1.32 26.38
C GLY A 122 -10.05 -0.29 25.51
N VAL A 123 -10.65 -0.02 24.34
CA VAL A 123 -10.08 0.91 23.37
C VAL A 123 -10.79 2.24 23.30
N HIS A 124 -12.11 2.25 23.14
CA HIS A 124 -12.77 3.49 22.81
C HIS A 124 -14.04 3.80 23.55
N LEU A 125 -14.68 2.82 24.17
CA LEU A 125 -15.93 3.15 24.84
C LEU A 125 -15.71 4.11 26.00
N ASP A 126 -16.52 5.18 26.03
CA ASP A 126 -16.46 6.21 27.08
C ASP A 126 -15.12 6.90 27.14
N ARG A 127 -14.46 7.04 25.97
CA ARG A 127 -13.18 7.74 25.91
C ARG A 127 -13.31 8.99 25.10
N ASN A 128 -12.69 10.07 25.56
CA ASN A 128 -12.60 11.31 24.79
C ASN A 128 -11.84 10.95 23.48
N GLU A 129 -12.31 11.42 22.33
CA GLU A 129 -11.65 10.99 21.08
C GLU A 129 -10.14 11.22 21.07
N GLU A 130 -9.67 12.38 21.52
CA GLU A 130 -8.23 12.62 21.49
C GLU A 130 -7.49 11.60 22.33
N ASP A 131 -8.17 11.05 23.34
CA ASP A 131 -7.59 10.12 24.31
C ASP A 131 -7.99 8.68 24.10
N ILE A 132 -8.48 8.36 22.86
CA ILE A 132 -8.83 6.96 22.59
CA ILE A 132 -8.84 7.00 22.52
C ILE A 132 -7.58 6.11 22.67
N GLY A 133 -7.75 4.87 23.07
CA GLY A 133 -6.57 4.03 23.12
C GLY A 133 -6.23 3.48 21.75
N ALA A 134 -4.96 3.06 21.57
CA ALA A 134 -4.61 2.34 20.37
C ALA A 134 -5.52 1.09 20.26
N GLY A 135 -5.94 0.75 19.03
CA GLY A 135 -6.82 -0.40 18.84
C GLY A 135 -6.16 -1.74 18.99
N ASP A 136 -4.84 -1.75 19.11
CA ASP A 136 -4.06 -2.95 19.29
C ASP A 136 -2.68 -2.52 19.76
N GLN A 137 -1.88 -3.48 20.24
CA GLN A 137 -0.46 -3.19 20.37
C GLN A 137 0.13 -3.28 18.94
N GLY A 138 1.42 -2.95 18.84
CA GLY A 138 2.17 -3.19 17.63
C GLY A 138 3.22 -2.15 17.36
N LEU A 139 3.98 -2.39 16.30
CA LEU A 139 5.06 -1.50 15.87
C LEU A 139 4.81 -1.12 14.43
N MET A 140 5.26 0.09 14.03
CA MET A 140 5.01 0.60 12.68
C MET A 140 6.21 1.43 12.28
N PHE A 141 6.52 1.45 10.99
CA PHE A 141 7.62 2.27 10.50
C PHE A 141 7.16 3.21 9.39
N GLY A 142 7.83 4.36 9.34
CA GLY A 142 7.70 5.31 8.26
C GLY A 142 9.07 5.45 7.62
N TYR A 143 9.11 5.73 6.30
CA TYR A 143 10.39 5.87 5.62
C TYR A 143 10.24 6.93 4.54
N ALA A 144 11.33 7.64 4.27
CA ALA A 144 11.36 8.58 3.15
C ALA A 144 12.78 8.67 2.64
N THR A 145 12.92 8.88 1.34
CA THR A 145 14.22 8.97 0.68
C THR A 145 14.14 10.08 -0.37
N ASP A 146 15.15 10.94 -0.42
CA ASP A 146 15.18 12.05 -1.38
C ASP A 146 15.55 11.62 -2.81
N GLU A 147 15.66 10.31 -3.09
CA GLU A 147 16.03 9.84 -4.43
C GLU A 147 14.99 10.13 -5.48
N THR A 148 13.72 10.40 -5.08
CA THR A 148 12.67 10.83 -6.00
C THR A 148 12.01 12.03 -5.36
N GLU A 149 11.32 12.86 -6.17
CA GLU A 149 10.64 14.03 -5.60
C GLU A 149 9.56 13.59 -4.59
N GLU A 150 8.87 12.50 -4.88
CA GLU A 150 7.80 12.01 -3.99
C GLU A 150 8.36 11.31 -2.75
N CYS A 151 9.67 11.22 -2.62
CA CYS A 151 10.36 10.68 -1.45
C CYS A 151 10.16 9.18 -1.25
N MET A 152 10.06 8.45 -2.37
CA MET A 152 9.91 7.01 -2.40
C MET A 152 11.08 6.33 -3.12
N PRO A 153 11.35 5.05 -2.81
CA PRO A 153 12.41 4.34 -3.57
C PRO A 153 12.08 4.23 -5.06
N LEU A 154 13.04 4.51 -5.92
CA LEU A 154 12.79 4.42 -7.36
C LEU A 154 12.39 3.00 -7.75
N THR A 155 12.99 1.98 -7.12
CA THR A 155 12.67 0.59 -7.44
C THR A 155 11.17 0.34 -7.41
N ILE A 156 10.50 0.77 -6.31
CA ILE A 156 9.07 0.47 -6.18
C ILE A 156 8.23 1.45 -6.98
N VAL A 157 8.67 2.70 -7.13
CA VAL A 157 7.89 3.65 -7.95
C VAL A 157 7.80 3.10 -9.38
N LEU A 158 8.95 2.65 -9.94
CA LEU A 158 8.92 2.13 -11.29
C LEU A 158 8.06 0.87 -11.36
N ALA A 159 8.20 -0.04 -10.36
CA ALA A 159 7.40 -1.27 -10.36
C ALA A 159 5.88 -0.93 -10.35
N HIS A 160 5.46 0.04 -9.50
CA HIS A 160 4.04 0.45 -9.49
C HIS A 160 3.62 1.01 -10.83
N LYS A 161 4.44 1.92 -11.40
CA LYS A 161 4.05 2.53 -12.68
C LYS A 161 3.93 1.48 -13.80
N LEU A 162 4.75 0.41 -13.78
CA LEU A 162 4.62 -0.60 -14.82
C LEU A 162 3.26 -1.30 -14.71
N ASN A 163 2.80 -1.61 -13.46
CA ASN A 163 1.44 -2.19 -13.31
C ASN A 163 0.37 -1.22 -13.72
N ALA A 164 0.52 0.06 -13.40
CA ALA A 164 -0.47 1.06 -13.79
C ALA A 164 -0.56 1.17 -15.31
N LYS A 165 0.60 1.07 -15.99
CA LYS A 165 0.63 1.12 -17.45
C LYS A 165 -0.10 -0.04 -18.07
N LEU A 166 0.09 -1.24 -17.51
CA LEU A 166 -0.64 -2.41 -17.98
C LEU A 166 -2.13 -2.17 -17.85
N ALA A 167 -2.59 -1.67 -16.71
CA ALA A 167 -4.02 -1.46 -16.54
C ALA A 167 -4.54 -0.40 -17.51
N GLU A 168 -3.72 0.63 -17.78
CA GLU A 168 -4.11 1.69 -18.68
C GLU A 168 -4.31 1.15 -20.10
N LEU A 169 -3.38 0.30 -20.58
CA LEU A 169 -3.40 -0.25 -21.94
C LEU A 169 -4.49 -1.30 -22.08
N ARG A 170 -4.83 -1.95 -20.96
CA ARG A 170 -5.92 -2.91 -20.94
C ARG A 170 -7.22 -2.11 -21.07
N ARG A 171 -7.40 -1.09 -20.24
CA ARG A 171 -8.64 -0.32 -20.22
C ARG A 171 -8.87 0.50 -21.48
N ASN A 172 -7.81 0.99 -22.13
CA ASN A 172 -8.03 1.77 -23.35
C ASN A 172 -8.10 0.89 -24.60
N GLY A 173 -7.98 -0.44 -24.46
CA GLY A 173 -8.10 -1.34 -25.60
C GLY A 173 -6.89 -1.45 -26.52
N THR A 174 -5.75 -0.83 -26.14
CA THR A 174 -4.46 -0.87 -26.88
C THR A 174 -3.99 -2.34 -26.94
N LEU A 175 -4.04 -3.04 -25.78
CA LEU A 175 -3.57 -4.43 -25.66
C LEU A 175 -4.73 -5.22 -25.08
N PRO A 176 -5.71 -5.57 -25.94
CA PRO A 176 -6.96 -6.19 -25.42
C PRO A 176 -6.80 -7.60 -24.90
N TRP A 177 -5.64 -8.20 -25.13
CA TRP A 177 -5.33 -9.53 -24.60
C TRP A 177 -4.90 -9.47 -23.12
N LEU A 178 -4.70 -8.28 -22.54
CA LEU A 178 -4.34 -8.17 -21.13
C LEU A 178 -5.50 -8.48 -20.24
N ARG A 179 -5.19 -9.07 -19.09
CA ARG A 179 -6.14 -9.35 -18.03
CA ARG A 179 -6.16 -9.34 -18.07
C ARG A 179 -5.68 -8.61 -16.78
N PRO A 180 -6.52 -8.51 -15.73
CA PRO A 180 -6.17 -7.63 -14.62
C PRO A 180 -5.04 -8.05 -13.69
N ASP A 181 -4.74 -9.35 -13.62
CA ASP A 181 -3.73 -9.87 -12.72
C ASP A 181 -2.31 -9.66 -13.28
N SER A 182 -1.47 -8.92 -12.56
CA SER A 182 -0.11 -8.70 -13.04
C SER A 182 0.82 -8.53 -11.84
N LYS A 183 2.10 -8.75 -12.11
CA LYS A 183 3.20 -8.52 -11.17
C LYS A 183 4.37 -7.94 -11.94
N THR A 184 5.12 -7.04 -11.27
CA THR A 184 6.33 -6.47 -11.87
C THR A 184 7.41 -6.44 -10.83
N GLN A 185 8.68 -6.35 -11.27
CA GLN A 185 9.78 -6.31 -10.31
C GLN A 185 10.91 -5.58 -10.96
N VAL A 186 11.50 -4.64 -10.24
CA VAL A 186 12.57 -3.80 -10.79
C VAL A 186 13.76 -3.86 -9.88
N THR A 187 14.93 -4.16 -10.48
CA THR A 187 16.22 -4.14 -9.81
C THR A 187 16.95 -2.91 -10.35
N VAL A 188 17.34 -2.02 -9.45
CA VAL A 188 18.10 -0.83 -9.77
C VAL A 188 19.51 -0.98 -9.20
N GLN A 189 20.49 -0.49 -9.98
CA GLN A 189 21.87 -0.38 -9.53
C GLN A 189 22.04 1.03 -9.03
N TYR A 190 22.44 1.14 -7.76
CA TYR A 190 22.60 2.40 -7.07
C TYR A 190 24.04 2.66 -6.75
N MET A 191 24.33 3.95 -6.51
CA MET A 191 25.57 4.42 -5.90
C MET A 191 25.11 5.00 -4.55
N GLN A 192 26.02 5.21 -3.63
CA GLN A 192 25.66 5.80 -2.36
C GLN A 192 26.56 6.93 -2.07
N ASP A 193 26.06 7.92 -1.33
CA ASP A 193 26.77 9.14 -0.97
C ASP A 193 26.42 9.45 0.49
N ARG A 194 27.32 9.04 1.40
CA ARG A 194 27.21 9.26 2.85
C ARG A 194 25.81 8.87 3.35
N GLY A 195 25.40 7.66 3.00
CA GLY A 195 24.11 7.16 3.43
C GLY A 195 22.95 7.42 2.50
N ALA A 196 23.01 8.45 1.62
CA ALA A 196 21.92 8.64 0.65
C ALA A 196 22.14 7.71 -0.53
N VAL A 197 21.09 7.41 -1.29
CA VAL A 197 21.21 6.49 -2.42
C VAL A 197 20.88 7.20 -3.71
N LEU A 198 21.65 6.89 -4.76
CA LEU A 198 21.57 7.55 -6.05
C LEU A 198 21.36 6.51 -7.14
N PRO A 199 20.21 6.52 -7.79
CA PRO A 199 19.98 5.49 -8.84
C PRO A 199 20.88 5.73 -10.04
N ILE A 200 21.49 4.67 -10.58
CA ILE A 200 22.36 4.74 -11.77
C ILE A 200 21.65 4.19 -13.00
N ARG A 201 21.12 2.97 -12.91
CA ARG A 201 20.51 2.32 -14.07
C ARG A 201 19.63 1.20 -13.57
N VAL A 202 18.77 0.74 -14.47
CA VAL A 202 17.92 -0.41 -14.24
C VAL A 202 18.67 -1.64 -14.71
N HIS A 203 18.90 -2.57 -13.78
CA HIS A 203 19.65 -3.79 -14.02
C HIS A 203 18.78 -4.91 -14.56
N THR A 204 17.58 -5.11 -13.96
CA THR A 204 16.66 -6.18 -14.37
C THR A 204 15.23 -5.74 -14.21
N ILE A 205 14.38 -6.13 -15.17
CA ILE A 205 12.93 -5.93 -15.03
C ILE A 205 12.24 -7.26 -15.26
N VAL A 206 11.27 -7.56 -14.40
CA VAL A 206 10.35 -8.68 -14.57
C VAL A 206 8.96 -8.13 -14.79
N ILE A 207 8.23 -8.69 -15.76
CA ILE A 207 6.79 -8.43 -15.89
C ILE A 207 6.13 -9.74 -16.16
N SER A 208 5.09 -10.08 -15.36
CA SER A 208 4.21 -11.22 -15.63
C SER A 208 2.81 -10.69 -15.61
N VAL A 209 2.03 -11.00 -16.66
CA VAL A 209 0.64 -10.51 -16.71
C VAL A 209 -0.25 -11.57 -17.33
N GLN A 210 -1.43 -11.72 -16.72
CA GLN A 210 -2.43 -12.65 -17.20
C GLN A 210 -2.87 -12.20 -18.60
N HIS A 211 -3.14 -13.17 -19.48
CA HIS A 211 -3.46 -12.86 -20.88
C HIS A 211 -4.46 -13.85 -21.46
N ASP A 212 -5.02 -13.48 -22.61
CA ASP A 212 -5.96 -14.36 -23.27
C ASP A 212 -5.29 -15.53 -23.97
N GLU A 213 -6.09 -16.49 -24.39
CA GLU A 213 -5.65 -17.73 -25.04
C GLU A 213 -5.08 -17.57 -26.41
N GLU A 214 -5.34 -16.45 -27.05
CA GLU A 214 -4.97 -16.28 -28.45
C GLU A 214 -3.63 -15.63 -28.71
N VAL A 215 -3.18 -14.72 -27.84
CA VAL A 215 -1.95 -13.96 -28.11
C VAL A 215 -0.74 -14.84 -27.87
N CYS A 216 0.26 -14.74 -28.78
CA CYS A 216 1.47 -15.53 -28.60
C CYS A 216 2.50 -14.81 -27.74
N LEU A 217 3.43 -15.60 -27.21
CA LEU A 217 4.47 -15.12 -26.37
C LEU A 217 5.27 -14.00 -27.01
N ASP A 218 5.66 -14.12 -28.28
CA ASP A 218 6.48 -13.07 -28.88
C ASP A 218 5.74 -11.77 -29.01
N GLU A 219 4.45 -11.82 -29.33
CA GLU A 219 3.67 -10.58 -29.41
C GLU A 219 3.62 -9.94 -28.02
N MET A 220 3.43 -10.74 -26.98
CA MET A 220 3.36 -10.16 -25.63
C MET A 220 4.73 -9.59 -25.23
N ARG A 221 5.83 -10.30 -25.47
CA ARG A 221 7.14 -9.82 -25.03
C ARG A 221 7.50 -8.53 -25.73
N ASP A 222 7.19 -8.45 -27.03
CA ASP A 222 7.47 -7.23 -27.76
C ASP A 222 6.64 -6.06 -27.21
N ALA A 223 5.34 -6.28 -26.98
CA ALA A 223 4.49 -5.21 -26.46
C ALA A 223 4.94 -4.79 -25.05
N LEU A 224 5.33 -5.77 -24.22
CA LEU A 224 5.78 -5.43 -22.87
C LEU A 224 7.04 -4.55 -22.90
N LYS A 225 7.95 -4.82 -23.81
CA LYS A 225 9.14 -4.00 -23.88
C LYS A 225 8.83 -2.62 -24.46
N GLU A 226 8.16 -2.58 -25.62
CA GLU A 226 7.97 -1.34 -26.36
C GLU A 226 6.87 -0.44 -25.84
N LYS A 227 5.75 -1.02 -25.44
CA LYS A 227 4.59 -0.22 -25.05
C LYS A 227 4.42 -0.06 -23.55
N VAL A 228 5.11 -0.92 -22.79
CA VAL A 228 5.02 -0.85 -21.32
C VAL A 228 6.29 -0.31 -20.75
N ILE A 229 7.39 -1.08 -20.81
CA ILE A 229 8.64 -0.58 -20.23
C ILE A 229 9.10 0.75 -20.82
N LYS A 230 9.16 0.87 -22.15
CA LYS A 230 9.66 2.13 -22.70
C LYS A 230 8.74 3.27 -22.41
N ALA A 231 7.47 3.03 -22.18
CA ALA A 231 6.53 4.09 -21.85
C ALA A 231 6.60 4.53 -20.39
N VAL A 232 7.36 3.80 -19.56
CA VAL A 232 7.46 4.10 -18.13
C VAL A 232 8.85 4.45 -17.67
N VAL A 233 9.84 3.65 -18.07
CA VAL A 233 11.18 3.77 -17.54
C VAL A 233 12.01 4.66 -18.41
N PRO A 234 12.58 5.75 -17.88
CA PRO A 234 13.44 6.62 -18.71
C PRO A 234 14.54 5.86 -19.42
N ALA A 235 14.75 6.16 -20.71
CA ALA A 235 15.76 5.48 -21.51
C ALA A 235 17.15 5.58 -20.87
N LYS A 236 17.43 6.68 -20.16
CA LYS A 236 18.74 6.87 -19.51
C LYS A 236 19.09 5.73 -18.53
N TYR A 237 18.07 5.00 -18.04
CA TYR A 237 18.29 3.90 -17.09
C TYR A 237 18.44 2.57 -17.78
N LEU A 238 18.12 2.49 -19.08
CA LEU A 238 18.13 1.21 -19.80
C LEU A 238 19.29 1.17 -20.75
N ASP A 239 19.98 0.05 -20.80
CA ASP A 239 21.12 -0.05 -21.70
C ASP A 239 21.24 -1.48 -22.24
N GLU A 240 22.35 -1.75 -22.95
CA GLU A 240 22.55 -3.05 -23.58
C GLU A 240 22.63 -4.19 -22.61
N ASP A 241 23.00 -3.89 -21.35
CA ASP A 241 23.14 -4.92 -20.33
C ASP A 241 21.86 -5.16 -19.51
N THR A 242 20.83 -4.28 -19.61
CA THR A 242 19.60 -4.48 -18.84
C THR A 242 19.00 -5.84 -19.19
N ILE A 243 18.61 -6.60 -18.16
CA ILE A 243 18.02 -7.91 -18.30
C ILE A 243 16.53 -7.81 -18.21
N TYR A 244 15.85 -8.45 -19.18
CA TYR A 244 14.40 -8.43 -19.25
C TYR A 244 13.83 -9.83 -19.09
N HIS A 245 12.97 -10.03 -18.10
CA HIS A 245 12.24 -11.27 -17.88
C HIS A 245 10.77 -10.95 -18.11
N LEU A 246 10.32 -11.15 -19.34
CA LEU A 246 8.96 -10.77 -19.78
C LEU A 246 8.18 -12.01 -20.02
N GLN A 247 7.06 -12.16 -19.30
CA GLN A 247 6.29 -13.41 -19.31
C GLN A 247 7.26 -14.60 -19.08
N PRO A 248 8.13 -14.56 -18.05
CA PRO A 248 9.11 -15.63 -17.87
C PRO A 248 8.52 -17.00 -17.63
N SER A 249 7.26 -17.09 -17.14
CA SER A 249 6.71 -18.43 -16.96
C SER A 249 6.29 -19.07 -18.31
N GLY A 250 6.20 -18.24 -19.35
CA GLY A 250 5.80 -18.71 -20.68
C GLY A 250 4.32 -18.76 -20.96
N ARG A 251 3.47 -18.84 -19.94
CA ARG A 251 2.02 -18.92 -20.14
C ARG A 251 1.35 -18.54 -18.85
N PHE A 252 0.39 -17.62 -18.95
CA PHE A 252 -0.34 -17.08 -17.79
C PHE A 252 -1.77 -16.76 -18.22
N VAL A 253 -2.50 -17.80 -18.61
CA VAL A 253 -3.90 -17.66 -19.02
C VAL A 253 -4.78 -17.75 -17.79
N ILE A 254 -4.54 -18.78 -16.96
CA ILE A 254 -5.23 -18.89 -15.66
C ILE A 254 -4.65 -17.82 -14.77
N GLY A 255 -5.50 -17.02 -14.13
CA GLY A 255 -5.03 -15.98 -13.24
C GLY A 255 -6.10 -15.49 -12.31
N GLY A 256 -5.82 -14.40 -11.64
CA GLY A 256 -6.74 -13.93 -10.62
C GLY A 256 -6.88 -14.98 -9.53
N PRO A 257 -7.98 -14.91 -8.77
CA PRO A 257 -8.17 -15.88 -7.67
C PRO A 257 -8.19 -17.33 -8.12
N GLN A 258 -8.55 -17.62 -9.39
CA GLN A 258 -8.49 -18.98 -9.88
C GLN A 258 -7.07 -19.52 -9.88
N GLY A 259 -6.09 -18.67 -10.23
CA GLY A 259 -4.70 -19.14 -10.25
C GLY A 259 -4.04 -19.19 -8.87
N ASP A 260 -4.52 -18.39 -7.91
CA ASP A 260 -3.84 -18.25 -6.62
C ASP A 260 -4.76 -17.59 -5.62
N ALA A 261 -5.00 -18.25 -4.48
CA ALA A 261 -5.86 -17.68 -3.47
C ALA A 261 -5.28 -16.37 -2.94
N GLY A 262 -6.12 -15.35 -2.81
CA GLY A 262 -5.68 -14.07 -2.28
C GLY A 262 -6.30 -13.80 -0.92
N LEU A 263 -5.62 -12.95 -0.16
CA LEU A 263 -6.07 -12.55 1.20
C LEU A 263 -5.72 -11.11 1.42
N THR A 264 -6.53 -10.39 2.23
CA THR A 264 -6.18 -9.02 2.63
C THR A 264 -4.86 -9.04 3.44
N GLY A 265 -4.03 -8.05 3.18
CA GLY A 265 -2.83 -7.86 3.99
C GLY A 265 -1.68 -8.81 3.73
N ARG A 266 -1.61 -9.27 2.47
CA ARG A 266 -0.55 -10.14 2.00
C ARG A 266 0.38 -9.46 1.01
N LYS A 267 0.25 -8.11 0.88
CA LYS A 267 1.12 -7.31 0.02
C LYS A 267 1.61 -6.09 0.81
N ILE A 268 2.05 -6.33 2.05
CA ILE A 268 2.31 -5.19 2.91
C ILE A 268 3.58 -4.43 2.53
N ILE A 269 4.48 -5.10 1.82
CA ILE A 269 5.74 -4.48 1.36
C ILE A 269 5.50 -3.73 0.05
N VAL A 270 4.65 -4.26 -0.82
CA VAL A 270 4.17 -3.53 -2.01
C VAL A 270 3.38 -2.30 -1.55
N ASP A 271 2.68 -2.39 -0.41
CA ASP A 271 1.89 -1.27 0.09
C ASP A 271 2.75 -0.14 0.64
N THR A 272 4.03 -0.46 0.98
CA THR A 272 4.90 0.45 1.68
C THR A 272 6.17 0.75 0.91
N TYR A 273 7.31 0.15 1.28
CA TYR A 273 8.59 0.63 0.77
C TYR A 273 9.42 -0.37 -0.03
N GLY A 274 8.81 -1.48 -0.44
CA GLY A 274 9.51 -2.33 -1.39
C GLY A 274 10.78 -2.98 -0.93
N GLY A 275 10.89 -3.20 0.39
CA GLY A 275 12.09 -3.81 0.95
C GLY A 275 12.99 -2.80 1.63
N TRP A 276 12.86 -1.51 1.24
CA TRP A 276 13.63 -0.46 1.90
C TRP A 276 13.02 -0.18 3.27
N GLY A 277 13.80 0.44 4.15
CA GLY A 277 13.24 0.71 5.46
C GLY A 277 12.89 -0.57 6.19
N ALA A 278 11.72 -0.59 6.82
CA ALA A 278 11.33 -1.76 7.64
C ALA A 278 9.82 -1.81 7.70
N HIS A 279 9.28 -2.88 8.32
CA HIS A 279 7.83 -2.99 8.45
C HIS A 279 7.58 -3.63 9.82
N GLY A 280 6.47 -3.20 10.44
CA GLY A 280 6.05 -3.74 11.75
C GLY A 280 5.12 -4.94 11.65
N GLY A 281 4.64 -5.26 10.43
CA GLY A 281 3.84 -6.46 10.18
C GLY A 281 2.37 -6.25 9.92
N GLY A 282 1.83 -5.11 10.33
CA GLY A 282 0.40 -4.86 10.22
C GLY A 282 -0.07 -4.58 8.81
N ALA A 283 -1.26 -5.07 8.48
CA ALA A 283 -1.92 -4.79 7.21
C ALA A 283 -2.72 -3.49 7.33
N PHE A 284 -2.88 -2.78 6.23
CA PHE A 284 -3.63 -1.54 6.24
C PHE A 284 -5.11 -1.71 5.90
N SER A 285 -5.42 -2.49 4.85
CA SER A 285 -6.77 -2.45 4.29
C SER A 285 -7.81 -3.08 5.18
N GLY A 286 -9.01 -2.50 5.15
CA GLY A 286 -10.17 -3.01 5.89
C GLY A 286 -10.23 -2.55 7.33
N LYS A 287 -9.41 -1.54 7.72
CA LYS A 287 -9.30 -1.09 9.11
C LYS A 287 -9.56 0.39 9.22
N ASP A 288 -10.42 0.78 10.20
CA ASP A 288 -10.62 2.18 10.54
C ASP A 288 -9.41 2.75 11.34
N TYR A 289 -9.44 4.07 11.57
CA TYR A 289 -8.29 4.76 12.15
C TYR A 289 -7.85 4.27 13.53
N THR A 290 -8.75 3.64 14.29
CA THR A 290 -8.34 3.20 15.62
C THR A 290 -7.35 2.06 15.57
N LYS A 291 -7.25 1.39 14.40
CA LYS A 291 -6.28 0.34 14.23
C LYS A 291 -4.98 1.03 13.79
N VAL A 292 -4.07 1.23 14.77
CA VAL A 292 -2.80 1.89 14.56
C VAL A 292 -1.91 1.21 13.52
N ASP A 293 -2.16 -0.05 13.16
CA ASP A 293 -1.44 -0.68 12.06
C ASP A 293 -1.45 0.24 10.83
N ARG A 294 -2.61 0.90 10.60
CA ARG A 294 -2.77 1.80 9.48
C ARG A 294 -2.46 3.26 9.89
N SER A 295 -3.23 3.82 10.83
CA SER A 295 -3.06 5.23 11.15
C SER A 295 -1.66 5.60 11.59
N ALA A 296 -1.01 4.77 12.42
CA ALA A 296 0.31 5.14 12.88
C ALA A 296 1.36 4.95 11.81
N ALA A 297 1.16 3.99 10.89
CA ALA A 297 2.06 3.87 9.75
C ALA A 297 1.94 5.07 8.83
N TYR A 298 0.71 5.57 8.63
CA TYR A 298 0.51 6.76 7.83
C TYR A 298 1.20 7.94 8.50
N ALA A 299 1.00 8.08 9.82
CA ALA A 299 1.62 9.19 10.55
C ALA A 299 3.15 9.06 10.51
N ALA A 300 3.68 7.83 10.60
CA ALA A 300 5.14 7.67 10.57
C ALA A 300 5.70 8.03 9.18
N ARG A 301 4.98 7.73 8.11
CA ARG A 301 5.36 8.16 6.75
C ARG A 301 5.37 9.70 6.75
N TRP A 302 4.35 10.35 7.33
CA TRP A 302 4.23 11.79 7.38
C TRP A 302 5.41 12.40 8.11
N VAL A 303 5.82 11.77 9.23
CA VAL A 303 6.99 12.27 9.96
C VAL A 303 8.25 12.14 9.08
N ALA A 304 8.47 10.95 8.50
CA ALA A 304 9.67 10.74 7.70
C ALA A 304 9.75 11.69 6.52
N LYS A 305 8.64 11.84 5.80
CA LYS A 305 8.61 12.76 4.68
C LYS A 305 8.83 14.20 5.11
N SER A 306 8.30 14.58 6.28
CA SER A 306 8.51 15.94 6.81
C SER A 306 9.97 16.19 7.17
N LEU A 307 10.68 15.15 7.68
CA LEU A 307 12.10 15.32 8.00
C LEU A 307 12.91 15.46 6.71
N VAL A 308 12.59 14.72 5.64
CA VAL A 308 13.34 14.82 4.41
C VAL A 308 13.01 16.14 3.67
N LYS A 309 11.73 16.46 3.50
CA LYS A 309 11.37 17.71 2.81
C LYS A 309 11.74 18.93 3.62
N GLY A 310 11.91 18.79 4.93
CA GLY A 310 12.35 19.88 5.78
C GLY A 310 13.85 20.08 5.77
N GLY A 311 14.56 19.25 5.00
CA GLY A 311 16.01 19.32 4.82
C GLY A 311 16.85 18.87 5.99
N LEU A 312 16.27 18.09 6.92
CA LEU A 312 17.00 17.57 8.06
C LEU A 312 17.75 16.30 7.74
N CYS A 313 17.37 15.59 6.70
N CYS A 313 17.19 15.45 6.84
CA CYS A 313 18.06 14.36 6.34
CA CYS A 313 17.73 14.14 6.40
C CYS A 313 17.65 14.00 4.94
C CYS A 313 17.66 14.07 4.91
N ARG A 314 18.48 13.18 4.31
CA ARG A 314 18.29 12.76 2.93
C ARG A 314 17.43 11.52 2.90
N ARG A 315 17.54 10.66 3.92
CA ARG A 315 16.66 9.51 4.05
C ARG A 315 16.56 9.15 5.50
N VAL A 316 15.41 8.57 5.87
CA VAL A 316 15.17 8.32 7.28
C VAL A 316 14.12 7.27 7.45
N LEU A 317 14.28 6.54 8.57
CA LEU A 317 13.36 5.51 9.02
C LEU A 317 12.90 5.93 10.44
N VAL A 318 11.59 5.78 10.68
CA VAL A 318 10.93 6.13 11.95
C VAL A 318 10.21 4.92 12.45
N GLN A 319 10.42 4.53 13.72
CA GLN A 319 9.61 3.50 14.34
C GLN A 319 8.72 4.13 15.40
N VAL A 320 7.51 3.63 15.55
CA VAL A 320 6.57 3.97 16.64
CA VAL A 320 6.60 3.98 16.64
C VAL A 320 5.98 2.65 17.12
N SER A 321 5.53 2.61 18.38
CA SER A 321 4.86 1.40 18.88
C SER A 321 3.77 1.78 19.87
N TYR A 322 2.82 0.85 20.11
CA TYR A 322 1.68 1.08 20.95
C TYR A 322 1.35 -0.12 21.80
N ALA A 323 0.52 0.11 22.82
CA ALA A 323 -0.11 -0.98 23.58
C ALA A 323 -1.62 -0.80 23.40
N ILE A 324 -2.35 -1.91 23.27
CA ILE A 324 -3.82 -1.79 23.16
C ILE A 324 -4.37 -1.03 24.37
N GLY A 325 -5.27 -0.09 24.08
CA GLY A 325 -5.94 0.68 25.14
C GLY A 325 -5.18 1.89 25.62
N VAL A 326 -3.96 2.08 25.16
CA VAL A 326 -3.10 3.18 25.61
C VAL A 326 -2.96 4.19 24.47
N SER A 327 -3.18 5.47 24.75
CA SER A 327 -3.17 6.47 23.69
CA SER A 327 -3.15 6.51 23.71
C SER A 327 -1.76 6.84 23.21
N HIS A 328 -0.87 7.22 24.13
CA HIS A 328 0.47 7.63 23.72
C HIS A 328 1.31 6.47 23.25
N PRO A 329 2.14 6.67 22.20
CA PRO A 329 3.04 5.61 21.78
C PRO A 329 3.96 5.21 22.93
N LEU A 330 4.37 3.95 22.93
CA LEU A 330 5.31 3.42 23.93
C LEU A 330 6.74 3.76 23.61
N SER A 331 7.04 3.92 22.32
CA SER A 331 8.39 4.25 21.87
C SER A 331 8.30 4.94 20.53
N ILE A 332 9.31 5.76 20.27
CA ILE A 332 9.54 6.42 18.98
C ILE A 332 11.04 6.36 18.74
N SER A 333 11.46 6.01 17.51
CA SER A 333 12.88 5.89 17.22
C SER A 333 13.16 6.39 15.84
N ILE A 334 14.41 6.86 15.60
CA ILE A 334 14.81 7.45 14.32
C ILE A 334 16.14 6.84 13.85
N PHE A 335 16.23 6.49 12.58
CA PHE A 335 17.47 6.02 11.96
C PHE A 335 17.67 6.86 10.71
N HIS A 336 18.74 7.70 10.70
CA HIS A 336 18.92 8.63 9.58
C HIS A 336 19.96 8.16 8.56
N TYR A 337 20.48 6.93 8.70
CA TYR A 337 21.42 6.35 7.73
C TYR A 337 22.71 7.15 7.57
N GLY A 338 23.00 8.08 8.48
CA GLY A 338 24.18 8.93 8.35
C GLY A 338 23.91 10.17 7.51
N THR A 339 22.64 10.47 7.16
CA THR A 339 22.30 11.53 6.22
C THR A 339 21.86 12.84 6.85
N SER A 340 22.16 13.04 8.12
CA SER A 340 21.88 14.29 8.80
C SER A 340 23.13 14.71 9.54
N GLN A 341 23.34 16.03 9.70
CA GLN A 341 24.39 16.50 10.59
C GLN A 341 23.90 16.34 12.05
N LYS A 342 22.56 16.36 12.26
CA LYS A 342 21.99 16.20 13.59
C LYS A 342 22.03 14.77 14.01
N SER A 343 22.20 14.51 15.29
CA SER A 343 22.18 13.13 15.75
C SER A 343 20.75 12.60 15.69
N GLU A 344 20.61 11.26 15.76
CA GLU A 344 19.27 10.66 15.83
C GLU A 344 18.53 11.12 17.09
N ARG A 345 19.27 11.34 18.22
CA ARG A 345 18.67 11.86 19.45
C ARG A 345 18.08 13.25 19.19
N GLU A 346 18.79 14.14 18.50
CA GLU A 346 18.27 15.48 18.18
CA GLU A 346 18.27 15.47 18.21
C GLU A 346 17.06 15.39 17.26
N LEU A 347 17.11 14.51 16.24
CA LEU A 347 15.96 14.39 15.34
C LEU A 347 14.75 13.88 16.13
N LEU A 348 14.97 12.92 17.05
CA LEU A 348 13.86 12.42 17.85
C LEU A 348 13.22 13.52 18.68
N GLU A 349 14.04 14.40 19.26
CA GLU A 349 13.52 15.54 20.01
C GLU A 349 12.69 16.47 19.10
N ILE A 350 13.17 16.73 17.87
CA ILE A 350 12.41 17.55 16.94
C ILE A 350 11.07 16.85 16.63
N VAL A 351 11.08 15.52 16.41
CA VAL A 351 9.83 14.80 16.14
C VAL A 351 8.87 14.97 17.31
N LYS A 352 9.36 14.78 18.57
CA LYS A 352 8.46 14.85 19.73
C LYS A 352 7.93 16.25 19.95
N LYS A 353 8.65 17.27 19.53
CA LYS A 353 8.18 18.64 19.66
C LYS A 353 7.17 19.02 18.59
N ASN A 354 7.15 18.29 17.45
CA ASN A 354 6.31 18.68 16.33
C ASN A 354 5.12 17.77 16.06
N PHE A 355 5.15 16.54 16.60
CA PHE A 355 4.10 15.59 16.29
C PHE A 355 3.53 14.97 17.54
N ASP A 356 2.23 14.64 17.48
CA ASP A 356 1.51 13.94 18.54
C ASP A 356 0.90 12.73 17.89
N LEU A 357 1.50 11.56 18.19
CA LEU A 357 1.16 10.32 17.52
C LEU A 357 0.12 9.49 18.29
N ARG A 358 -0.67 10.13 19.15
CA ARG A 358 -1.84 9.46 19.70
C ARG A 358 -2.81 9.22 18.53
N PRO A 359 -3.50 8.07 18.47
CA PRO A 359 -4.43 7.84 17.34
C PRO A 359 -5.55 8.85 17.27
N GLY A 360 -6.00 9.36 18.42
CA GLY A 360 -7.07 10.35 18.43
C GLY A 360 -6.62 11.74 18.03
N VAL A 361 -5.31 11.95 17.82
CA VAL A 361 -4.80 13.21 17.25
C VAL A 361 -4.49 12.95 15.75
N ILE A 362 -3.87 11.82 15.45
CA ILE A 362 -3.58 11.45 14.05
C ILE A 362 -4.86 11.52 13.21
N VAL A 363 -5.99 11.03 13.73
CA VAL A 363 -7.23 11.06 12.98
C VAL A 363 -7.60 12.48 12.54
N ARG A 364 -7.37 13.46 13.40
CA ARG A 364 -7.68 14.84 13.07
C ARG A 364 -6.66 15.40 12.09
N ASP A 365 -5.36 15.20 12.34
CA ASP A 365 -4.32 15.73 11.44
C ASP A 365 -4.38 15.14 10.05
N LEU A 366 -4.71 13.86 9.92
CA LEU A 366 -4.68 13.17 8.64
C LEU A 366 -6.08 12.90 8.07
N ASP A 367 -7.12 13.41 8.73
CA ASP A 367 -8.53 13.34 8.29
C ASP A 367 -8.95 11.91 7.99
N LEU A 368 -8.67 11.01 8.94
CA LEU A 368 -8.78 9.57 8.70
C LEU A 368 -10.18 9.00 8.82
N LYS A 369 -11.18 9.83 8.99
CA LYS A 369 -12.54 9.33 8.88
C LYS A 369 -13.05 9.47 7.42
N LYS A 370 -12.28 10.13 6.54
CA LYS A 370 -12.73 10.33 5.18
C LYS A 370 -12.68 9.01 4.39
N PRO A 371 -13.70 8.75 3.56
CA PRO A 371 -13.77 7.47 2.83
C PRO A 371 -12.93 7.51 1.54
N ILE A 372 -11.60 7.62 1.68
CA ILE A 372 -10.69 7.61 0.52
C ILE A 372 -9.83 6.37 0.53
N TYR A 373 -10.20 5.37 1.33
CA TYR A 373 -9.32 4.24 1.49
C TYR A 373 -9.20 3.31 0.29
N GLN A 374 -10.29 3.10 -0.46
CA GLN A 374 -10.14 2.20 -1.62
C GLN A 374 -9.09 2.75 -2.60
N ARG A 375 -8.94 4.11 -2.66
CA ARG A 375 -7.92 4.73 -3.53
C ARG A 375 -6.50 4.34 -3.11
N THR A 376 -6.29 4.00 -1.83
CA THR A 376 -4.95 3.65 -1.36
C THR A 376 -4.58 2.21 -1.62
N ALA A 377 -5.57 1.35 -1.95
CA ALA A 377 -5.40 -0.09 -1.90
C ALA A 377 -4.74 -0.77 -3.11
N ALA A 378 -4.30 0.03 -4.08
CA ALA A 378 -3.44 -0.46 -5.17
C ALA A 378 -2.42 0.60 -5.44
N TYR A 379 -1.24 0.19 -5.91
CA TYR A 379 -0.16 1.09 -6.35
C TYR A 379 0.54 1.77 -5.19
N GLY A 380 0.43 1.20 -3.98
CA GLY A 380 1.11 1.73 -2.82
C GLY A 380 0.32 2.80 -2.09
N HIS A 381 0.49 2.89 -0.76
CA HIS A 381 -0.25 3.87 0.03
C HIS A 381 0.45 5.21 0.09
N PHE A 382 1.72 5.22 -0.33
CA PHE A 382 2.61 6.36 -0.17
C PHE A 382 3.16 6.86 -1.49
N GLY A 383 3.54 8.13 -1.51
CA GLY A 383 4.19 8.76 -2.65
C GLY A 383 3.29 9.14 -3.79
N ARG A 384 1.98 9.12 -3.55
CA ARG A 384 0.99 9.42 -4.60
C ARG A 384 -0.09 10.34 -4.08
N ASP A 385 -0.68 11.14 -4.98
CA ASP A 385 -1.94 11.88 -4.82
C ASP A 385 -2.07 12.94 -3.72
N SER A 386 -0.99 13.31 -3.08
CA SER A 386 -1.01 14.34 -2.05
C SER A 386 -2.08 14.07 -1.00
N PHE A 387 -2.17 12.79 -0.54
CA PHE A 387 -3.00 12.46 0.64
C PHE A 387 -2.43 13.24 1.82
N PRO A 388 -3.16 13.38 2.95
CA PRO A 388 -2.63 14.22 4.03
C PRO A 388 -1.25 13.81 4.56
N TRP A 389 -0.96 12.49 4.57
CA TRP A 389 0.32 12.01 5.10
C TRP A 389 1.48 12.27 4.13
N GLU A 390 1.18 12.76 2.91
CA GLU A 390 2.16 13.11 1.90
C GLU A 390 2.46 14.59 1.86
N VAL A 391 1.73 15.42 2.64
CA VAL A 391 1.91 16.86 2.67
C VAL A 391 2.80 17.14 3.87
N PRO A 392 4.07 17.52 3.70
CA PRO A 392 4.93 17.68 4.89
C PRO A 392 4.45 18.70 5.90
N LYS A 393 4.73 18.43 7.16
CA LYS A 393 4.47 19.41 8.20
C LYS A 393 5.69 20.31 8.29
N LYS A 394 5.47 21.63 8.40
CA LYS A 394 6.53 22.62 8.60
C LYS A 394 7.03 22.44 10.06
N LEU A 395 8.33 22.15 10.21
CA LEU A 395 8.87 21.85 11.51
C LEU A 395 9.44 23.06 12.23
N LYS A 396 9.22 23.12 13.55
CA LYS A 396 9.70 24.19 14.42
C LYS A 396 10.73 23.59 15.38
N TYR A 397 11.95 24.20 15.44
CA TYR A 397 13.06 23.75 16.30
C TYR A 397 14.14 24.83 16.36
S DMS B . -11.27 9.76 29.26
O DMS B . -10.87 9.55 27.86
C1 DMS B . -12.82 10.58 29.16
C2 DMS B . -11.97 8.23 29.83
C1 TO8 C . 22.80 1.93 1.09
C2 TO8 C . 21.52 -0.14 1.45
C3 TO8 C . 19.57 0.19 2.69
C7 TO8 C . 21.79 -3.83 0.63
C8 TO8 C . 22.07 -2.48 0.61
C9 TO8 C . 21.29 -1.57 1.34
CL TO8 C . 20.39 -5.98 1.44
C6 TO8 C . 20.72 -4.29 1.38
C5 TO8 C . 19.93 -3.43 2.11
N TO8 C . 22.66 0.47 1.04
C TO8 C . 23.94 -0.20 0.74
C4 TO8 C . 20.21 -2.07 2.10
N2 TO8 C . 19.44 -1.18 2.82
N1 TO8 C . 20.66 0.71 2.02
O TO8 C . 18.70 0.92 3.17
N SAM D . -0.16 -20.36 -5.24
CA SAM D . 0.76 -20.49 -6.39
C SAM D . 1.03 -21.95 -6.72
O SAM D . 2.09 -22.32 -7.19
OXT SAM D . 0.01 -22.75 -6.49
CB SAM D . 2.10 -19.73 -6.11
CG SAM D . 1.90 -18.21 -6.04
SD SAM D . 1.46 -17.46 -7.67
CE SAM D . 2.94 -17.75 -8.69
C5' SAM D . 1.60 -15.80 -7.17
C4' SAM D . 1.09 -14.77 -8.17
O4' SAM D . 1.81 -14.97 -9.40
C3' SAM D . -0.37 -14.84 -8.56
O3' SAM D . -1.20 -14.19 -7.60
C2' SAM D . -0.34 -14.09 -9.89
O2' SAM D . -0.20 -12.69 -9.72
C1' SAM D . 0.97 -14.63 -10.48
N9 SAM D . 0.77 -15.78 -11.36
C8 SAM D . -0.26 -16.69 -11.40
N7 SAM D . -0.16 -17.56 -12.37
C5 SAM D . 1.01 -17.19 -13.03
C6 SAM D . 1.65 -17.70 -14.19
N6 SAM D . 1.19 -18.74 -14.90
N1 SAM D . 2.78 -17.09 -14.58
C2 SAM D . 3.24 -16.04 -13.88
N3 SAM D . 2.72 -15.47 -12.79
C4 SAM D . 1.59 -16.11 -12.41
CL CL E . 1.86 -13.21 -4.89
#